data_3OO4
#
_entry.id   3OO4
#
_cell.length_a   53.487
_cell.length_b   53.487
_cell.length_c   190.001
_cell.angle_alpha   90.00
_cell.angle_beta   90.00
_cell.angle_gamma   90.00
#
_symmetry.space_group_name_H-M   'P 41 21 2'
#
loop_
_entity.id
_entity.type
_entity.pdbx_description
1 polymer 'Hemoglobin subunit alpha'
2 polymer 'Hemoglobin subunit beta'
3 non-polymer "[3,3'-{7-ethenyl-3,8,13,17-tetramethyl-12-[(E)-2-nitroethenyl]porphyrin-2,18-diyl-kappa~4~N~21~,N~22~,N~23~,N~24~}dipro panoato(2-)]iron"
4 non-polymer 'NITRITE ION'
5 non-polymer 'PROTOPORPHYRIN IX CONTAINING FE'
6 water water
#
loop_
_entity_poly.entity_id
_entity_poly.type
_entity_poly.pdbx_seq_one_letter_code
_entity_poly.pdbx_strand_id
1 'polypeptide(L)'
;VLSPADKTNVKAAWGKVGAHAGEYGAEALERMFLSFPTTKTYFPHFDLSHGSAQVKGHGKKVADALTNAVAHVDDMPNAL
SALSDLHAHKLRVDPVNFKLLSHCLLVTLAAHLPAEFTPAVHASLDKFLASVSTVLTSKYR
;
A
2 'polypeptide(L)'
;VHLTPEEKSAVTALWGKVNVDEVGGEALGRLLVVYPWTQRFFESFGDLSTPDAVMGNPKVKAHGKKVLGAFSDGLAHLDN
LKGTFATLSELHCDKLHVDPENFRLLGNVLVCVLAHHFGKEFTPPVQAAYQKVVAGVANALAHKYH
;
B
#
loop_
_chem_comp.id
_chem_comp.type
_chem_comp.name
_chem_comp.formula
HEM non-polymer 'PROTOPORPHYRIN IX CONTAINING FE' 'C34 H32 Fe N4 O4'
NO2 non-polymer 'NITRITE ION' 'N O2 -1'
NTE non-polymer '[3,3'-{7-ethenyl-3,8,13,17-tetramethyl-12-[(E)-2-nitroethenyl]porphyrin-2,18-diyl-kappa~4~N~21~,N~22~,N~23~,N~24~}dipro panoato(2-)]iron' 'C34 H31 Fe N5 O6'
#
# COMPACT_ATOMS: atom_id res chain seq x y z
N VAL A 1 18.51 2.74 -4.46
CA VAL A 1 19.52 3.34 -3.59
C VAL A 1 18.88 4.04 -2.38
N LEU A 2 19.02 3.45 -1.20
CA LEU A 2 18.48 4.06 0.02
C LEU A 2 19.38 5.19 0.50
N SER A 3 18.80 6.38 0.63
CA SER A 3 19.54 7.54 1.10
C SER A 3 19.79 7.45 2.59
N PRO A 4 20.74 8.27 3.08
CA PRO A 4 20.97 8.33 4.53
C PRO A 4 19.68 8.68 5.26
N ALA A 5 18.90 9.60 4.71
CA ALA A 5 17.62 9.97 5.32
C ALA A 5 16.67 8.75 5.36
N ASP A 6 16.60 8.00 4.28
CA ASP A 6 15.77 6.78 4.25
C ASP A 6 16.21 5.78 5.31
N LYS A 7 17.52 5.55 5.41
CA LYS A 7 18.06 4.62 6.40
C LYS A 7 17.71 5.08 7.82
N THR A 8 17.90 6.37 8.08
CA THR A 8 17.46 6.96 9.34
C THR A 8 15.98 6.71 9.59
N ASN A 9 15.14 7.02 8.59
CA ASN A 9 13.70 6.82 8.73
C ASN A 9 13.31 5.37 8.98
N VAL A 10 13.89 4.45 8.21
CA VAL A 10 13.56 3.03 8.35
C VAL A 10 13.98 2.56 9.74
N LYS A 11 15.18 2.96 10.18
CA LYS A 11 15.65 2.58 11.49
C LYS A 11 14.74 3.12 12.60
N ALA A 12 14.31 4.37 12.46
CA ALA A 12 13.38 4.97 13.42
C ALA A 12 12.09 4.18 13.51
N ALA A 13 11.52 3.85 12.35
CA ALA A 13 10.26 3.11 12.31
C ALA A 13 10.41 1.73 12.97
N TRP A 14 11.48 1.03 12.63
CA TRP A 14 11.70 -0.28 13.23
C TRP A 14 11.83 -0.15 14.75
N GLY A 15 12.53 0.89 15.19
CA GLY A 15 12.66 1.18 16.61
C GLY A 15 11.31 1.32 17.29
N LYS A 16 10.40 2.09 16.68
CA LYS A 16 9.07 2.29 17.24
C LYS A 16 8.28 0.99 17.24
N VAL A 17 8.47 0.18 16.19
CA VAL A 17 7.79 -1.11 16.10
C VAL A 17 8.27 -1.97 17.27
N GLY A 18 9.57 -1.86 17.58
CA GLY A 18 10.16 -2.59 18.68
C GLY A 18 9.81 -4.07 18.67
N ALA A 19 9.50 -4.59 19.85
CA ALA A 19 9.17 -5.99 20.02
C ALA A 19 7.84 -6.45 19.41
N HIS A 20 7.08 -5.56 18.78
CA HIS A 20 5.89 -5.99 18.05
C HIS A 20 6.20 -6.53 16.65
N ALA A 21 7.47 -6.53 16.28
CA ALA A 21 7.84 -6.86 14.90
C ALA A 21 7.15 -8.14 14.41
N GLY A 22 7.29 -9.22 15.18
CA GLY A 22 6.68 -10.49 14.79
C GLY A 22 5.18 -10.46 14.62
N GLU A 23 4.49 -9.78 15.55
CA GLU A 23 3.02 -9.70 15.52
C GLU A 23 2.56 -8.90 14.32
N TYR A 24 3.29 -7.83 14.00
CA TYR A 24 2.91 -7.01 12.86
C TYR A 24 3.13 -7.81 11.58
N GLY A 25 4.16 -8.66 11.57
CA GLY A 25 4.43 -9.51 10.41
C GLY A 25 3.29 -10.49 10.17
N ALA A 26 2.78 -11.06 11.25
CA ALA A 26 1.65 -11.97 11.13
C ALA A 26 0.41 -11.24 10.64
N GLU A 27 0.24 -10.01 11.13
CA GLU A 27 -0.91 -9.21 10.71
C GLU A 27 -0.81 -8.83 9.22
N ALA A 28 0.40 -8.54 8.78
CA ALA A 28 0.61 -8.23 7.37
C ALA A 28 0.21 -9.42 6.51
N LEU A 29 0.64 -10.62 6.91
CA LEU A 29 0.25 -11.81 6.17
C LEU A 29 -1.27 -11.97 6.12
N GLU A 30 -1.97 -11.81 7.25
CA GLU A 30 -3.40 -11.99 7.22
C GLU A 30 -4.06 -10.97 6.29
N ARG A 31 -3.59 -9.72 6.35
CA ARG A 31 -4.09 -8.69 5.46
C ARG A 31 -3.86 -9.13 4.02
N MET A 32 -2.67 -9.64 3.72
CA MET A 32 -2.39 -10.09 2.35
C MET A 32 -3.33 -11.22 1.87
N PHE A 33 -3.51 -12.23 2.72
CA PHE A 33 -4.33 -13.37 2.34
C PHE A 33 -5.79 -12.98 2.11
N LEU A 34 -6.31 -12.07 2.94
CA LEU A 34 -7.70 -11.62 2.78
C LEU A 34 -7.86 -10.70 1.59
N SER A 35 -6.90 -9.79 1.42
CA SER A 35 -7.02 -8.73 0.43
C SER A 35 -6.67 -9.22 -0.94
N PHE A 36 -5.74 -10.17 -1.00
CA PHE A 36 -5.21 -10.66 -2.26
C PHE A 36 -5.20 -12.18 -2.26
N PRO A 37 -6.38 -12.80 -2.45
CA PRO A 37 -6.58 -14.23 -2.26
C PRO A 37 -5.67 -15.11 -3.09
N THR A 38 -5.24 -14.63 -4.26
CA THR A 38 -4.30 -15.38 -5.09
C THR A 38 -3.04 -15.79 -4.32
N THR A 39 -2.63 -14.96 -3.35
CA THR A 39 -1.40 -15.23 -2.64
C THR A 39 -1.52 -16.50 -1.78
N LYS A 40 -2.76 -16.86 -1.44
CA LYS A 40 -3.01 -18.02 -0.57
C LYS A 40 -2.52 -19.32 -1.19
N THR A 41 -2.37 -19.37 -2.51
CA THR A 41 -2.02 -20.61 -3.18
C THR A 41 -0.56 -21.00 -2.94
N TYR A 42 0.22 -20.10 -2.35
CA TYR A 42 1.58 -20.45 -1.94
C TYR A 42 1.61 -21.12 -0.58
N PHE A 43 0.48 -21.10 0.12
CA PHE A 43 0.45 -21.69 1.45
C PHE A 43 -0.72 -22.67 1.53
N PRO A 44 -0.81 -23.60 0.57
CA PRO A 44 -1.97 -24.50 0.52
C PRO A 44 -1.98 -25.43 1.71
N HIS A 45 -0.81 -25.62 2.30
CA HIS A 45 -0.64 -26.52 3.45
C HIS A 45 -0.66 -25.78 4.79
N PHE A 46 -0.77 -24.45 4.75
CA PHE A 46 -0.96 -23.68 5.97
C PHE A 46 -2.43 -23.64 6.28
N ASP A 47 -2.75 -23.54 7.56
CA ASP A 47 -4.06 -23.07 7.88
C ASP A 47 -3.98 -21.55 7.97
N LEU A 48 -4.79 -20.87 7.16
CA LEU A 48 -4.74 -19.41 7.05
C LEU A 48 -5.87 -18.72 7.78
N SER A 49 -6.62 -19.47 8.59
CA SER A 49 -7.69 -18.86 9.37
C SER A 49 -7.13 -17.84 10.36
N HIS A 50 -7.97 -16.89 10.74
CA HIS A 50 -7.55 -15.93 11.76
C HIS A 50 -7.06 -16.67 12.99
N GLY A 51 -5.93 -16.20 13.54
CA GLY A 51 -5.40 -16.77 14.77
C GLY A 51 -4.52 -17.99 14.57
N SER A 52 -4.30 -18.37 13.33
CA SER A 52 -3.48 -19.52 13.01
C SER A 52 -2.08 -19.41 13.56
N ALA A 53 -1.68 -20.40 14.33
CA ALA A 53 -0.32 -20.47 14.85
C ALA A 53 0.69 -20.54 13.72
N GLN A 54 0.28 -21.07 12.57
CA GLN A 54 1.23 -21.17 11.48
C GLN A 54 1.48 -19.81 10.82
N VAL A 55 0.44 -19.01 10.70
CA VAL A 55 0.59 -17.65 10.21
C VAL A 55 1.39 -16.80 11.22
N LYS A 56 1.08 -16.94 12.50
CA LYS A 56 1.85 -16.24 13.52
C LYS A 56 3.34 -16.59 13.46
N GLY A 57 3.65 -17.87 13.29
CA GLY A 57 5.03 -18.31 13.28
C GLY A 57 5.72 -17.79 12.05
N HIS A 58 4.99 -17.81 10.94
CA HIS A 58 5.58 -17.33 9.71
C HIS A 58 5.79 -15.82 9.73
N GLY A 59 4.82 -15.10 10.31
CA GLY A 59 4.93 -13.67 10.45
C GLY A 59 6.20 -13.29 11.17
N LYS A 60 6.59 -14.09 12.15
CA LYS A 60 7.80 -13.83 12.91
C LYS A 60 9.03 -14.04 12.05
N LYS A 61 9.02 -15.09 11.24
CA LYS A 61 10.16 -15.36 10.36
C LYS A 61 10.34 -14.22 9.35
N VAL A 62 9.21 -13.74 8.84
CA VAL A 62 9.20 -12.64 7.86
C VAL A 62 9.73 -11.37 8.49
N ALA A 63 9.23 -11.07 9.69
CA ALA A 63 9.70 -9.90 10.44
C ALA A 63 11.19 -10.01 10.72
N ASP A 64 11.65 -11.20 11.14
CA ASP A 64 13.07 -11.42 11.41
C ASP A 64 13.94 -11.16 10.18
N ALA A 65 13.46 -11.61 9.03
CA ALA A 65 14.17 -11.39 7.77
C ALA A 65 14.28 -9.89 7.47
N LEU A 66 13.18 -9.15 7.64
CA LEU A 66 13.21 -7.72 7.37
C LEU A 66 14.15 -7.01 8.31
N THR A 67 14.16 -7.41 9.59
CA THR A 67 15.05 -6.73 10.55
CA THR A 67 15.05 -6.78 10.57
C THR A 67 16.51 -7.06 10.24
N ASN A 68 16.78 -8.26 9.75
CA ASN A 68 18.13 -8.64 9.31
C ASN A 68 18.54 -7.77 8.12
N ALA A 69 17.58 -7.49 7.23
CA ALA A 69 17.82 -6.55 6.14
C ALA A 69 18.12 -5.12 6.65
N VAL A 70 17.32 -4.62 7.59
CA VAL A 70 17.58 -3.32 8.19
C VAL A 70 18.99 -3.33 8.79
N ALA A 71 19.30 -4.39 9.50
CA ALA A 71 20.54 -4.46 10.26
C ALA A 71 21.76 -4.59 9.34
N HIS A 72 21.53 -5.05 8.10
CA HIS A 72 22.57 -5.12 7.09
C HIS A 72 22.17 -4.40 5.81
N VAL A 73 21.64 -3.20 6.00
CA VAL A 73 20.98 -2.45 4.93
C VAL A 73 21.93 -2.15 3.78
N ASP A 74 23.23 -2.09 4.07
CA ASP A 74 24.22 -1.80 3.03
C ASP A 74 24.75 -3.04 2.34
N ASP A 75 24.23 -4.20 2.76
CA ASP A 75 24.70 -5.48 2.27
C ASP A 75 23.51 -6.41 2.08
N MET A 76 22.39 -5.85 1.62
CA MET A 76 21.15 -6.65 1.53
C MET A 76 21.24 -7.86 0.60
N PRO A 77 21.80 -7.68 -0.61
CA PRO A 77 21.92 -8.85 -1.49
C PRO A 77 22.58 -10.03 -0.78
N ASN A 78 23.67 -9.77 -0.06
CA ASN A 78 24.36 -10.83 0.65
C ASN A 78 23.53 -11.37 1.81
N ALA A 79 23.01 -10.46 2.62
CA ALA A 79 22.18 -10.86 3.76
C ALA A 79 20.98 -11.72 3.35
N LEU A 80 20.33 -11.35 2.25
CA LEU A 80 19.10 -12.02 1.83
C LEU A 80 19.31 -13.11 0.76
N SER A 81 20.56 -13.49 0.51
CA SER A 81 20.87 -14.41 -0.57
CA SER A 81 20.87 -14.42 -0.57
C SER A 81 20.12 -15.75 -0.47
N ALA A 82 20.20 -16.39 0.70
CA ALA A 82 19.51 -17.67 0.88
C ALA A 82 18.01 -17.55 0.66
N LEU A 83 17.42 -16.49 1.21
CA LEU A 83 16.01 -16.20 1.06
C LEU A 83 15.67 -15.96 -0.41
N SER A 84 16.56 -15.28 -1.12
CA SER A 84 16.36 -15.00 -2.54
C SER A 84 16.31 -16.32 -3.33
N ASP A 85 17.23 -17.23 -3.01
CA ASP A 85 17.28 -18.56 -3.60
C ASP A 85 15.99 -19.31 -3.37
N LEU A 86 15.58 -19.34 -2.11
CA LEU A 86 14.37 -20.01 -1.73
C LEU A 86 13.14 -19.49 -2.49
N HIS A 87 12.95 -18.17 -2.49
CA HIS A 87 11.70 -17.62 -3.05
C HIS A 87 11.61 -17.75 -4.57
N ALA A 88 12.74 -17.60 -5.25
CA ALA A 88 12.77 -17.73 -6.71
C ALA A 88 12.87 -19.18 -7.20
N HIS A 89 13.86 -19.91 -6.71
CA HIS A 89 14.15 -21.25 -7.23
C HIS A 89 13.15 -22.29 -6.76
N LYS A 90 12.95 -22.35 -5.44
CA LYS A 90 12.14 -23.41 -4.86
C LYS A 90 10.66 -23.05 -4.85
N LEU A 91 10.35 -21.86 -4.41
CA LEU A 91 8.97 -21.51 -4.18
C LEU A 91 8.34 -20.97 -5.45
N ARG A 92 9.18 -20.48 -6.35
CA ARG A 92 8.72 -19.82 -7.57
C ARG A 92 7.68 -18.76 -7.24
N VAL A 93 8.04 -17.83 -6.36
CA VAL A 93 7.10 -16.78 -6.03
C VAL A 93 7.03 -15.76 -7.15
N ASP A 94 5.83 -15.59 -7.66
CA ASP A 94 5.54 -14.57 -8.64
C ASP A 94 6.00 -13.20 -8.10
N PRO A 95 6.80 -12.46 -8.87
CA PRO A 95 7.33 -11.16 -8.43
C PRO A 95 6.26 -10.14 -8.02
N VAL A 96 5.10 -10.18 -8.69
CA VAL A 96 3.98 -9.31 -8.36
C VAL A 96 3.61 -9.44 -6.90
N ASN A 97 3.82 -10.63 -6.34
CA ASN A 97 3.35 -10.88 -4.99
C ASN A 97 4.15 -10.14 -3.91
N PHE A 98 5.36 -9.75 -4.24
CA PHE A 98 6.17 -8.98 -3.30
C PHE A 98 5.60 -7.58 -3.11
N LYS A 99 5.05 -7.02 -4.19
CA LYS A 99 4.36 -5.75 -4.10
C LYS A 99 3.13 -5.84 -3.20
N LEU A 100 2.45 -6.99 -3.24
CA LEU A 100 1.25 -7.16 -2.44
C LEU A 100 1.59 -7.27 -0.96
N LEU A 101 2.62 -8.03 -0.63
CA LEU A 101 3.02 -8.19 0.76
C LEU A 101 3.65 -6.89 1.26
N SER A 102 4.40 -6.21 0.39
CA SER A 102 5.01 -4.93 0.79
C SER A 102 3.92 -3.93 1.16
N HIS A 103 2.89 -3.87 0.34
CA HIS A 103 1.78 -2.96 0.59
C HIS A 103 1.13 -3.29 1.93
N CYS A 104 0.93 -4.58 2.19
CA CYS A 104 0.29 -5.00 3.43
C CYS A 104 1.16 -4.73 4.65
N LEU A 105 2.47 -4.84 4.49
CA LEU A 105 3.40 -4.41 5.53
C LEU A 105 3.29 -2.91 5.82
N LEU A 106 3.23 -2.08 4.77
CA LEU A 106 3.00 -0.65 4.94
C LEU A 106 1.69 -0.34 5.64
N VAL A 107 0.63 -1.00 5.20
CA VAL A 107 -0.69 -0.81 5.80
C VAL A 107 -0.63 -1.15 7.28
N THR A 108 0.06 -2.25 7.61
CA THR A 108 0.17 -2.70 8.99
C THR A 108 0.92 -1.67 9.86
N LEU A 109 2.05 -1.18 9.36
CA LEU A 109 2.81 -0.14 10.06
C LEU A 109 1.97 1.13 10.20
N ALA A 110 1.26 1.46 9.15
CA ALA A 110 0.43 2.65 9.17
C ALA A 110 -0.65 2.52 10.26
N ALA A 111 -1.27 1.35 10.37
CA ALA A 111 -2.29 1.13 11.40
C ALA A 111 -1.72 1.07 12.84
N HIS A 112 -0.42 0.90 12.97
CA HIS A 112 0.20 0.86 14.29
C HIS A 112 1.08 2.05 14.67
N LEU A 113 1.45 2.90 13.71
CA LEU A 113 2.40 3.98 14.02
C LEU A 113 1.80 5.33 13.70
N PRO A 114 0.81 5.76 14.50
CA PRO A 114 0.17 7.03 14.16
C PRO A 114 1.20 8.15 14.02
N ALA A 115 2.13 8.25 14.95
CA ALA A 115 3.09 9.37 14.87
C ALA A 115 4.18 9.11 13.84
N GLU A 116 4.69 7.89 13.81
CA GLU A 116 5.86 7.56 13.00
C GLU A 116 5.61 7.50 11.49
N PHE A 117 4.41 7.11 11.08
CA PHE A 117 4.09 6.96 9.64
C PHE A 117 3.77 8.27 8.93
N THR A 118 4.73 9.19 8.93
CA THR A 118 4.57 10.44 8.21
C THR A 118 4.77 10.18 6.73
N PRO A 119 4.42 11.15 5.87
CA PRO A 119 4.70 10.96 4.45
C PRO A 119 6.15 10.63 4.17
N ALA A 120 7.09 11.27 4.89
CA ALA A 120 8.50 10.99 4.62
C ALA A 120 8.87 9.56 4.97
N VAL A 121 8.40 9.08 6.13
CA VAL A 121 8.78 7.77 6.61
C VAL A 121 8.11 6.70 5.75
N HIS A 122 6.86 6.97 5.36
CA HIS A 122 6.11 6.13 4.43
C HIS A 122 6.93 5.96 3.14
N ALA A 123 7.42 7.08 2.57
CA ALA A 123 8.29 7.00 1.42
C ALA A 123 9.53 6.14 1.68
N SER A 124 10.22 6.36 2.80
CA SER A 124 11.42 5.59 3.10
C SER A 124 11.10 4.09 3.26
N LEU A 125 10.03 3.77 3.96
CA LEU A 125 9.65 2.37 4.13
C LEU A 125 9.29 1.73 2.79
N ASP A 126 8.58 2.47 1.96
CA ASP A 126 8.27 1.94 0.63
C ASP A 126 9.55 1.57 -0.12
N LYS A 127 10.55 2.46 -0.08
CA LYS A 127 11.81 2.20 -0.79
C LYS A 127 12.53 1.00 -0.19
N PHE A 128 12.47 0.89 1.13
CA PHE A 128 13.12 -0.21 1.82
C PHE A 128 12.51 -1.54 1.39
N LEU A 129 11.20 -1.59 1.42
CA LEU A 129 10.52 -2.84 1.08
C LEU A 129 10.69 -3.11 -0.40
N ALA A 130 10.68 -2.05 -1.21
CA ALA A 130 10.97 -2.26 -2.62
C ALA A 130 12.39 -2.83 -2.79
N SER A 131 13.35 -2.33 -2.02
CA SER A 131 14.73 -2.82 -2.13
C SER A 131 14.83 -4.27 -1.70
N VAL A 132 14.13 -4.63 -0.63
CA VAL A 132 14.11 -6.00 -0.18
C VAL A 132 13.48 -6.90 -1.24
N SER A 133 12.38 -6.43 -1.82
CA SER A 133 11.68 -7.19 -2.85
C SER A 133 12.59 -7.41 -4.09
N THR A 134 13.33 -6.37 -4.46
CA THR A 134 14.24 -6.45 -5.60
C THR A 134 15.26 -7.57 -5.36
N VAL A 135 15.86 -7.61 -4.17
CA VAL A 135 16.78 -8.67 -3.81
C VAL A 135 16.12 -10.04 -3.85
N LEU A 136 14.93 -10.16 -3.26
CA LEU A 136 14.27 -11.45 -3.18
C LEU A 136 13.81 -11.96 -4.55
N THR A 137 13.72 -11.08 -5.55
CA THR A 137 13.35 -11.52 -6.90
C THR A 137 14.55 -11.53 -7.84
N SER A 138 15.73 -11.24 -7.31
CA SER A 138 16.91 -11.04 -8.14
C SER A 138 17.35 -12.32 -8.85
N LYS A 139 17.05 -13.47 -8.25
CA LYS A 139 17.33 -14.73 -8.90
C LYS A 139 16.44 -14.93 -10.13
N TYR A 140 15.70 -13.88 -10.51
CA TYR A 140 14.96 -13.85 -11.77
C TYR A 140 15.68 -12.99 -12.81
N ARG A 141 16.68 -12.23 -12.36
CA ARG A 141 17.46 -11.38 -13.26
C ARG A 141 18.94 -11.79 -13.28
N VAL B 1 -17.85 -4.01 -9.50
CA VAL B 1 -17.36 -4.99 -8.54
C VAL B 1 -18.47 -5.40 -7.58
N HIS B 2 -18.54 -6.69 -7.28
CA HIS B 2 -19.54 -7.20 -6.36
C HIS B 2 -18.98 -7.35 -4.95
N LEU B 3 -19.31 -6.40 -4.09
CA LEU B 3 -19.01 -6.53 -2.69
C LEU B 3 -20.10 -7.38 -2.05
N THR B 4 -19.73 -8.18 -1.05
CA THR B 4 -20.73 -8.90 -0.27
C THR B 4 -21.44 -7.86 0.59
N PRO B 5 -22.59 -8.23 1.18
CA PRO B 5 -23.15 -7.24 2.11
C PRO B 5 -22.22 -6.97 3.30
N GLU B 6 -21.46 -7.98 3.74
CA GLU B 6 -20.48 -7.74 4.81
C GLU B 6 -19.39 -6.77 4.35
N GLU B 7 -18.95 -6.90 3.11
CA GLU B 7 -17.93 -6.00 2.58
C GLU B 7 -18.51 -4.61 2.44
N LYS B 8 -19.72 -4.52 1.89
CA LYS B 8 -20.39 -3.23 1.76
C LYS B 8 -20.52 -2.58 3.13
N SER B 9 -20.89 -3.39 4.13
CA SER B 9 -21.02 -2.83 5.47
C SER B 9 -19.68 -2.26 5.95
N ALA B 10 -18.62 -3.05 5.80
CA ALA B 10 -17.30 -2.59 6.25
C ALA B 10 -16.95 -1.27 5.60
N VAL B 11 -17.18 -1.17 4.30
CA VAL B 11 -16.81 0.02 3.56
C VAL B 11 -17.63 1.23 3.98
N THR B 12 -18.96 1.05 3.97
CA THR B 12 -19.88 2.15 4.22
C THR B 12 -19.70 2.75 5.61
N ALA B 13 -19.60 1.87 6.61
CA ALA B 13 -19.49 2.30 7.99
C ALA B 13 -18.22 3.12 8.19
N LEU B 14 -17.10 2.65 7.64
CA LEU B 14 -15.87 3.39 7.79
C LEU B 14 -15.97 4.73 7.09
N TRP B 15 -16.55 4.73 5.90
CA TRP B 15 -16.50 5.92 5.05
C TRP B 15 -17.25 7.10 5.65
N GLY B 16 -18.35 6.82 6.34
CA GLY B 16 -19.09 7.86 7.03
C GLY B 16 -18.22 8.63 7.99
N LYS B 17 -17.15 7.98 8.47
CA LYS B 17 -16.24 8.58 9.44
C LYS B 17 -15.12 9.39 8.81
N VAL B 18 -15.01 9.29 7.49
CA VAL B 18 -13.89 9.94 6.79
C VAL B 18 -14.05 11.45 6.69
N ASN B 19 -12.97 12.18 6.99
CA ASN B 19 -12.93 13.63 6.80
C ASN B 19 -12.69 13.94 5.34
N VAL B 20 -13.79 14.18 4.62
CA VAL B 20 -13.74 14.35 3.17
C VAL B 20 -13.01 15.62 2.75
N ASP B 21 -12.69 16.48 3.72
CA ASP B 21 -11.95 17.69 3.40
C ASP B 21 -10.44 17.48 3.46
N GLU B 22 -10.01 16.35 4.00
CA GLU B 22 -8.60 16.15 4.33
C GLU B 22 -7.98 14.91 3.71
N VAL B 23 -8.70 13.80 3.74
CA VAL B 23 -8.14 12.50 3.36
C VAL B 23 -7.70 12.48 1.90
N GLY B 24 -8.48 13.12 1.04
CA GLY B 24 -8.14 13.23 -0.35
C GLY B 24 -6.79 13.90 -0.55
N GLY B 25 -6.55 15.01 0.15
CA GLY B 25 -5.31 15.72 0.00
C GLY B 25 -4.15 14.96 0.61
N GLU B 26 -4.44 14.22 1.69
CA GLU B 26 -3.42 13.39 2.31
C GLU B 26 -3.04 12.26 1.35
N ALA B 27 -4.02 11.62 0.73
CA ALA B 27 -3.69 10.53 -0.18
C ALA B 27 -2.91 11.06 -1.40
N LEU B 28 -3.38 12.16 -1.99
CA LEU B 28 -2.68 12.73 -3.16
C LEU B 28 -1.28 13.20 -2.80
N GLY B 29 -1.15 13.91 -1.68
CA GLY B 29 0.14 14.35 -1.20
C GLY B 29 1.08 13.17 -1.08
N ARG B 30 0.63 12.12 -0.41
CA ARG B 30 1.48 10.94 -0.23
C ARG B 30 1.85 10.29 -1.56
N LEU B 31 0.91 10.27 -2.50
CA LEU B 31 1.19 9.72 -3.82
C LEU B 31 2.37 10.46 -4.43
N LEU B 32 2.33 11.79 -4.34
CA LEU B 32 3.36 12.64 -4.95
C LEU B 32 4.69 12.49 -4.25
N VAL B 33 4.65 12.22 -2.96
CA VAL B 33 5.88 12.06 -2.21
C VAL B 33 6.48 10.68 -2.41
N VAL B 34 5.64 9.65 -2.35
CA VAL B 34 6.12 8.27 -2.36
C VAL B 34 6.44 7.77 -3.78
N TYR B 35 5.67 8.24 -4.74
CA TYR B 35 5.84 7.87 -6.14
C TYR B 35 6.04 9.15 -6.94
N PRO B 36 7.25 9.69 -6.85
CA PRO B 36 7.57 11.06 -7.26
C PRO B 36 7.39 11.29 -8.75
N TRP B 37 7.35 10.21 -9.53
CA TRP B 37 7.11 10.39 -10.96
C TRP B 37 5.70 10.92 -11.18
N THR B 38 4.82 10.75 -10.21
CA THR B 38 3.46 11.23 -10.39
C THR B 38 3.40 12.76 -10.42
N GLN B 39 4.46 13.39 -9.90
CA GLN B 39 4.53 14.85 -9.83
C GLN B 39 4.58 15.43 -11.23
N ARG B 40 4.90 14.57 -12.19
CA ARG B 40 4.96 14.96 -13.58
C ARG B 40 3.63 15.58 -14.04
N PHE B 41 2.52 15.07 -13.50
CA PHE B 41 1.20 15.52 -13.95
C PHE B 41 0.67 16.74 -13.18
N PHE B 42 1.46 17.23 -12.23
CA PHE B 42 0.98 18.29 -11.34
C PHE B 42 2.02 19.38 -11.19
N GLU B 43 2.72 19.71 -12.27
CA GLU B 43 3.74 20.74 -12.18
C GLU B 43 3.14 22.12 -11.89
N SER B 44 1.85 22.29 -12.18
CA SER B 44 1.18 23.56 -11.95
C SER B 44 0.92 23.85 -10.48
N PHE B 45 1.00 22.80 -9.65
CA PHE B 45 0.74 22.94 -8.23
C PHE B 45 1.79 23.77 -7.50
N GLY B 46 3.00 23.85 -8.05
CA GLY B 46 4.02 24.69 -7.47
C GLY B 46 5.08 23.93 -6.69
N ASP B 47 5.35 24.37 -5.45
CA ASP B 47 6.42 23.78 -4.68
C ASP B 47 6.08 22.36 -4.23
N LEU B 48 6.80 21.39 -4.80
CA LEU B 48 6.67 19.99 -4.40
C LEU B 48 8.05 19.41 -4.11
N SER B 49 8.98 20.27 -3.70
CA SER B 49 10.39 19.89 -3.58
C SER B 49 10.72 19.11 -2.31
N THR B 50 9.81 19.15 -1.34
CA THR B 50 9.95 18.37 -0.12
C THR B 50 8.59 17.80 0.24
N PRO B 51 8.57 16.81 1.14
CA PRO B 51 7.32 16.26 1.69
C PRO B 51 6.46 17.35 2.34
N ASP B 52 7.09 18.14 3.20
CA ASP B 52 6.37 19.23 3.88
C ASP B 52 5.76 20.17 2.86
N ALA B 53 6.53 20.53 1.84
CA ALA B 53 6.01 21.42 0.81
C ALA B 53 4.77 20.82 0.17
N VAL B 54 4.85 19.54 -0.20
CA VAL B 54 3.73 18.83 -0.82
C VAL B 54 2.50 18.74 0.07
N MET B 55 2.70 18.31 1.31
CA MET B 55 1.57 18.07 2.19
C MET B 55 0.92 19.40 2.58
N GLY B 56 1.75 20.44 2.70
CA GLY B 56 1.26 21.75 3.06
C GLY B 56 0.75 22.54 1.87
N ASN B 57 1.01 22.03 0.68
CA ASN B 57 0.61 22.70 -0.56
C ASN B 57 -0.93 22.78 -0.66
N PRO B 58 -1.46 24.00 -0.75
CA PRO B 58 -2.91 24.23 -0.80
C PRO B 58 -3.56 23.64 -2.04
N LYS B 59 -2.82 23.62 -3.14
CA LYS B 59 -3.34 23.06 -4.38
C LYS B 59 -3.48 21.54 -4.27
N VAL B 60 -2.54 20.92 -3.57
CA VAL B 60 -2.61 19.49 -3.34
C VAL B 60 -3.87 19.18 -2.54
N LYS B 61 -4.10 19.91 -1.45
CA LYS B 61 -5.29 19.67 -0.64
C LYS B 61 -6.57 19.89 -1.44
N ALA B 62 -6.61 20.97 -2.22
CA ALA B 62 -7.81 21.31 -2.98
C ALA B 62 -8.12 20.25 -4.03
N HIS B 63 -7.12 19.86 -4.81
CA HIS B 63 -7.37 18.83 -5.82
C HIS B 63 -7.69 17.47 -5.20
N GLY B 64 -7.03 17.15 -4.09
CA GLY B 64 -7.32 15.92 -3.40
C GLY B 64 -8.77 15.82 -3.00
N LYS B 65 -9.35 16.96 -2.63
CA LYS B 65 -10.74 16.99 -2.24
C LYS B 65 -11.64 16.53 -3.39
N LYS B 66 -11.34 16.99 -4.60
CA LYS B 66 -12.09 16.58 -5.79
C LYS B 66 -11.90 15.08 -6.03
N VAL B 67 -10.66 14.62 -5.90
CA VAL B 67 -10.37 13.19 -6.08
C VAL B 67 -11.19 12.36 -5.10
N LEU B 68 -11.21 12.75 -3.83
CA LEU B 68 -11.97 11.98 -2.85
C LEU B 68 -13.46 12.03 -3.14
N GLY B 69 -13.92 13.18 -3.64
CA GLY B 69 -15.29 13.32 -4.11
C GLY B 69 -15.64 12.29 -5.15
N ALA B 70 -14.71 12.01 -6.06
CA ALA B 70 -14.90 10.95 -7.05
C ALA B 70 -14.96 9.57 -6.38
N PHE B 71 -14.08 9.29 -5.42
CA PHE B 71 -14.15 8.02 -4.71
C PHE B 71 -15.50 7.86 -4.03
N SER B 72 -15.95 8.93 -3.38
CA SER B 72 -17.23 8.88 -2.67
C SER B 72 -18.32 8.52 -3.65
N ASP B 73 -18.26 9.11 -4.83
CA ASP B 73 -19.25 8.86 -5.87
C ASP B 73 -19.23 7.40 -6.31
N GLY B 74 -18.04 6.81 -6.37
CA GLY B 74 -17.92 5.41 -6.71
C GLY B 74 -18.53 4.55 -5.61
N LEU B 75 -18.30 4.95 -4.36
CA LEU B 75 -18.83 4.20 -3.22
C LEU B 75 -20.35 4.13 -3.26
N ALA B 76 -20.97 5.21 -3.72
CA ALA B 76 -22.41 5.31 -3.87
C ALA B 76 -22.95 4.47 -5.04
N HIS B 77 -22.07 4.07 -5.96
CA HIS B 77 -22.52 3.32 -7.13
C HIS B 77 -21.60 2.13 -7.43
N LEU B 78 -21.35 1.32 -6.41
CA LEU B 78 -20.43 0.19 -6.52
C LEU B 78 -20.80 -0.78 -7.65
N ASP B 79 -22.10 -0.91 -7.91
CA ASP B 79 -22.58 -1.87 -8.90
C ASP B 79 -22.59 -1.28 -10.32
N ASN B 80 -22.06 -0.06 -10.46
CA ASN B 80 -21.87 0.56 -11.76
C ASN B 80 -20.71 1.55 -11.76
N LEU B 81 -19.53 1.09 -11.39
CA LEU B 81 -18.35 1.95 -11.39
C LEU B 81 -18.01 2.41 -12.80
N LYS B 82 -18.25 1.52 -13.77
CA LYS B 82 -17.93 1.83 -15.16
C LYS B 82 -18.64 3.09 -15.62
N GLY B 83 -19.96 3.16 -15.40
CA GLY B 83 -20.73 4.32 -15.76
C GLY B 83 -20.31 5.54 -14.97
N THR B 84 -20.13 5.35 -13.67
CA THR B 84 -19.75 6.45 -12.78
C THR B 84 -18.48 7.15 -13.26
N PHE B 85 -17.45 6.38 -13.58
CA PHE B 85 -16.13 6.95 -13.89
C PHE B 85 -15.87 7.13 -15.38
N ALA B 86 -16.90 6.94 -16.19
CA ALA B 86 -16.77 7.08 -17.64
C ALA B 86 -16.01 8.35 -18.01
N THR B 87 -16.55 9.49 -17.59
CA THR B 87 -15.96 10.78 -17.93
C THR B 87 -14.54 10.96 -17.40
N LEU B 88 -14.30 10.49 -16.18
CA LEU B 88 -12.99 10.63 -15.59
C LEU B 88 -11.99 9.75 -16.33
N SER B 89 -12.48 8.62 -16.84
CA SER B 89 -11.62 7.71 -17.59
C SER B 89 -11.20 8.43 -18.86
N GLU B 90 -12.19 8.96 -19.56
CA GLU B 90 -11.93 9.72 -20.78
C GLU B 90 -10.83 10.74 -20.50
N LEU B 91 -10.94 11.43 -19.38
CA LEU B 91 -9.96 12.45 -19.00
C LEU B 91 -8.55 11.90 -18.72
N HIS B 92 -8.46 10.85 -17.90
CA HIS B 92 -7.17 10.36 -17.42
C HIS B 92 -6.50 9.50 -18.48
N CYS B 93 -7.33 8.85 -19.30
CA CYS B 93 -6.83 7.95 -20.31
C CYS B 93 -6.60 8.67 -21.64
N ASP B 94 -7.67 9.21 -22.23
CA ASP B 94 -7.59 9.88 -23.54
C ASP B 94 -6.88 11.24 -23.54
N LYS B 95 -7.06 12.03 -22.49
CA LYS B 95 -6.45 13.35 -22.48
C LYS B 95 -5.13 13.40 -21.72
N LEU B 96 -5.09 12.78 -20.55
CA LEU B 96 -3.92 12.86 -19.67
C LEU B 96 -2.89 11.75 -19.94
N HIS B 97 -3.37 10.64 -20.47
CA HIS B 97 -2.53 9.45 -20.68
C HIS B 97 -1.76 9.02 -19.42
N VAL B 98 -2.41 9.07 -18.27
CA VAL B 98 -1.80 8.55 -17.04
C VAL B 98 -1.72 7.04 -17.14
N ASP B 99 -0.56 6.46 -16.83
CA ASP B 99 -0.53 5.01 -16.83
C ASP B 99 -1.42 4.50 -15.70
N PRO B 100 -2.29 3.52 -16.01
CA PRO B 100 -3.26 2.99 -15.07
C PRO B 100 -2.65 2.35 -13.82
N GLU B 101 -1.40 1.90 -13.92
CA GLU B 101 -0.76 1.35 -12.73
C GLU B 101 -0.82 2.40 -11.64
N ASN B 102 -0.81 3.67 -12.05
CA ASN B 102 -0.84 4.76 -11.09
C ASN B 102 -2.18 4.89 -10.39
N PHE B 103 -3.26 4.47 -11.05
CA PHE B 103 -4.57 4.41 -10.40
C PHE B 103 -4.50 3.43 -9.24
N ARG B 104 -3.90 2.27 -9.51
CA ARG B 104 -3.73 1.25 -8.49
C ARG B 104 -2.87 1.77 -7.35
N LEU B 105 -1.84 2.53 -7.68
CA LEU B 105 -0.99 3.14 -6.66
C LEU B 105 -1.76 4.12 -5.76
N LEU B 106 -2.48 5.06 -6.37
CA LEU B 106 -3.24 6.04 -5.58
C LEU B 106 -4.23 5.31 -4.69
N GLY B 107 -4.85 4.26 -5.22
CA GLY B 107 -5.78 3.46 -4.45
C GLY B 107 -5.15 2.83 -3.23
N ASN B 108 -3.96 2.24 -3.42
CA ASN B 108 -3.23 1.68 -2.29
C ASN B 108 -2.72 2.74 -1.32
N VAL B 109 -2.39 3.93 -1.81
CA VAL B 109 -1.99 5.01 -0.91
C VAL B 109 -3.20 5.44 -0.10
N LEU B 110 -4.37 5.49 -0.75
CA LEU B 110 -5.57 5.83 -0.01
C LEU B 110 -5.79 4.83 1.12
N VAL B 111 -5.65 3.54 0.80
CA VAL B 111 -5.74 2.50 1.81
C VAL B 111 -4.77 2.74 2.98
N CYS B 112 -3.53 3.11 2.66
CA CYS B 112 -2.54 3.42 3.70
C CYS B 112 -3.03 4.58 4.59
N VAL B 113 -3.58 5.60 3.96
CA VAL B 113 -4.08 6.78 4.68
C VAL B 113 -5.25 6.39 5.60
N LEU B 114 -6.17 5.57 5.10
CA LEU B 114 -7.26 5.08 5.92
C LEU B 114 -6.69 4.28 7.12
N ALA B 115 -5.67 3.45 6.86
CA ALA B 115 -5.08 2.66 7.93
C ALA B 115 -4.43 3.58 8.99
N HIS B 116 -3.74 4.60 8.51
CA HIS B 116 -3.07 5.55 9.38
C HIS B 116 -4.11 6.28 10.24
N HIS B 117 -5.19 6.72 9.60
CA HIS B 117 -6.24 7.51 10.27
C HIS B 117 -7.09 6.66 11.22
N PHE B 118 -7.45 5.45 10.79
CA PHE B 118 -8.33 4.61 11.60
C PHE B 118 -7.63 3.58 12.47
N GLY B 119 -6.34 3.37 12.24
CA GLY B 119 -5.59 2.47 13.08
C GLY B 119 -6.24 1.10 13.17
N LYS B 120 -6.33 0.56 14.39
CA LYS B 120 -6.88 -0.80 14.58
C LYS B 120 -8.29 -0.99 14.02
N GLU B 121 -9.05 0.10 13.90
CA GLU B 121 -10.37 0.03 13.29
C GLU B 121 -10.28 -0.46 11.83
N PHE B 122 -9.14 -0.19 11.20
CA PHE B 122 -8.94 -0.61 9.82
C PHE B 122 -8.43 -2.05 9.80
N THR B 123 -9.32 -2.98 10.16
CA THR B 123 -9.01 -4.38 10.35
C THR B 123 -8.66 -5.05 9.02
N PRO B 124 -8.09 -6.26 9.07
CA PRO B 124 -7.77 -6.90 7.79
C PRO B 124 -8.99 -7.13 6.89
N PRO B 125 -10.14 -7.52 7.46
CA PRO B 125 -11.32 -7.60 6.57
C PRO B 125 -11.80 -6.24 6.03
N VAL B 126 -11.70 -5.18 6.83
CA VAL B 126 -12.09 -3.88 6.33
C VAL B 126 -11.15 -3.48 5.20
N GLN B 127 -9.86 -3.75 5.40
CA GLN B 127 -8.91 -3.51 4.32
C GLN B 127 -9.30 -4.28 3.07
N ALA B 128 -9.59 -5.58 3.23
CA ALA B 128 -9.86 -6.42 2.06
C ALA B 128 -11.03 -5.89 1.26
N ALA B 129 -12.06 -5.40 1.97
CA ALA B 129 -13.21 -4.78 1.32
C ALA B 129 -12.76 -3.52 0.58
N TYR B 130 -12.00 -2.66 1.23
CA TYR B 130 -11.48 -1.47 0.55
C TYR B 130 -10.59 -1.81 -0.64
N GLN B 131 -9.82 -2.90 -0.56
CA GLN B 131 -9.00 -3.29 -1.74
C GLN B 131 -9.89 -3.61 -2.92
N LYS B 132 -11.00 -4.31 -2.69
CA LYS B 132 -11.94 -4.57 -3.78
C LYS B 132 -12.46 -3.27 -4.36
N VAL B 133 -12.75 -2.31 -3.50
CA VAL B 133 -13.24 -1.02 -3.97
C VAL B 133 -12.21 -0.24 -4.80
N VAL B 134 -10.98 -0.13 -4.32
CA VAL B 134 -9.99 0.66 -5.07
C VAL B 134 -9.57 -0.04 -6.35
N ALA B 135 -9.60 -1.37 -6.35
CA ALA B 135 -9.36 -2.11 -7.58
C ALA B 135 -10.46 -1.80 -8.60
N GLY B 136 -11.71 -1.79 -8.13
CA GLY B 136 -12.84 -1.53 -9.01
C GLY B 136 -12.80 -0.13 -9.59
N VAL B 137 -12.43 0.86 -8.78
CA VAL B 137 -12.31 2.23 -9.24
C VAL B 137 -11.15 2.36 -10.24
N ALA B 138 -10.03 1.74 -9.92
CA ALA B 138 -8.89 1.77 -10.82
C ALA B 138 -9.29 1.16 -12.17
N ASN B 139 -9.96 0.01 -12.12
CA ASN B 139 -10.38 -0.67 -13.34
C ASN B 139 -11.33 0.19 -14.17
N ALA B 140 -12.27 0.84 -13.50
CA ALA B 140 -13.24 1.67 -14.23
C ALA B 140 -12.55 2.90 -14.83
N LEU B 141 -11.65 3.52 -14.06
CA LEU B 141 -10.96 4.71 -14.52
C LEU B 141 -10.13 4.33 -15.73
N ALA B 142 -9.71 3.07 -15.79
CA ALA B 142 -8.86 2.59 -16.86
C ALA B 142 -9.66 2.04 -18.04
N HIS B 143 -10.98 2.12 -17.99
CA HIS B 143 -11.79 1.48 -19.03
C HIS B 143 -11.52 2.02 -20.44
N LYS B 144 -11.21 3.32 -20.55
CA LYS B 144 -10.93 3.90 -21.86
C LYS B 144 -9.65 3.36 -22.48
N TYR B 145 -8.89 2.59 -21.68
CA TYR B 145 -7.75 1.83 -22.20
C TYR B 145 -8.14 0.41 -22.64
N HIS B 146 -9.30 -0.06 -22.23
CA HIS B 146 -9.74 -1.42 -22.58
C HIS B 146 -10.53 -1.45 -23.88
N NTE C . 7.08 -14.99 0.55
FE NTE C . 8.47 -15.62 1.97
O1 NTE C . 9.70 -6.84 1.25
O2 NTE C . 8.01 -7.91 0.59
NA NTE C . 9.71 -16.23 3.51
NB NTE C . 9.10 -13.65 2.25
NC NTE C . 9.05 -7.86 1.23
ND NTE C . 7.74 -17.56 1.79
C1A NTE C . 9.90 -17.48 3.93
O1A NTE C . 12.63 -20.95 6.66
C1B NTE C . 9.96 -13.21 3.17
C1C NTE C . 6.95 -13.74 0.09
C1D NTE C . 6.73 -17.95 1.01
O1D NTE C . 6.78 -22.87 5.54
C2A NTE C . 10.86 -17.52 5.06
O2A NTE C . 14.38 -20.55 5.34
C2B NTE C . 10.15 -11.73 3.09
C2C NTE C . 5.84 -13.66 -0.90
C2D NTE C . 6.48 -19.40 1.17
O2D NTE C . 6.18 -23.71 3.62
C3A NTE C . 11.24 -16.20 5.25
C3B NTE C . 9.32 -11.36 2.04
C3C NTE C . 5.34 -14.94 -0.97
C3D NTE C . 7.42 -19.84 2.08
C4A NTE C . 10.49 -15.43 4.24
C4B NTE C . 8.68 -12.60 1.54
C4C NTE C . 6.16 -15.74 -0.04
C4D NTE C . 8.19 -18.63 2.45
CAA NTE C . 11.32 -18.75 5.80
CAB NTE C . 8.99 -10.06 1.41
CAC NTE C . 4.24 -15.54 -1.76
CAD NTE C . 7.59 -21.25 2.60
CBA NTE C . 12.84 -18.79 5.70
CBB NTE C . 9.44 -8.90 1.86
CBC NTE C . 3.08 -14.91 -1.85
CBD NTE C . 6.56 -21.35 3.74
CGA NTE C . 13.32 -20.20 5.92
CGD NTE C . 6.51 -22.74 4.34
CHA NTE C . 9.28 -18.72 3.43
CHB NTE C . 10.67 -13.98 4.19
CHC NTE C . 7.72 -12.54 0.44
CHD NTE C . 5.87 -17.17 0.11
CMA NTE C . 12.18 -15.58 6.26
CMB NTE C . 11.06 -10.87 3.92
CMC NTE C . 5.36 -12.45 -1.67
CMD NTE C . 5.43 -20.21 0.46
N NO2 D . 6.35 -14.37 3.05
O1 NO2 D . 6.99 -15.39 3.29
O2 NO2 D . 5.31 -14.45 3.70
CHA HEM E . -8.07 15.43 -12.37
CHB HEM E . -9.99 11.80 -9.83
CHC HEM E . -5.92 9.23 -10.37
CHD HEM E . -3.85 12.97 -12.71
C1A HEM E . -8.94 14.68 -11.62
C2A HEM E . -10.23 15.10 -11.15
C3A HEM E . -10.77 14.10 -10.47
C4A HEM E . -9.82 13.02 -10.45
CMA HEM E . -12.15 14.04 -9.75
CAA HEM E . -10.86 16.49 -11.45
CBA HEM E . -11.44 16.43 -12.85
CGA HEM E . -12.32 17.65 -13.05
O1A HEM E . -13.48 17.49 -13.53
O2A HEM E . -11.85 18.76 -12.69
C1B HEM E . -9.09 10.76 -9.79
C2B HEM E . -9.33 9.44 -9.24
C3B HEM E . -8.20 8.74 -9.39
C4B HEM E . -7.21 9.57 -10.03
CMB HEM E . -10.64 8.93 -8.60
CAB HEM E . -8.08 7.27 -8.91
CBB HEM E . -7.01 6.54 -9.24
C1C HEM E . -4.97 10.05 -10.97
C2C HEM E . -3.55 9.78 -11.10
C3C HEM E . -2.98 10.81 -11.76
C4C HEM E . -4.03 11.77 -12.04
CMC HEM E . -2.87 8.51 -10.56
CAC HEM E . -1.51 11.08 -12.14
CBC HEM E . -0.49 10.45 -11.53
C1D HEM E . -4.78 13.99 -12.82
C2D HEM E . -4.51 15.30 -13.37
C3D HEM E . -5.84 16.06 -13.25
C4D HEM E . -6.75 15.13 -12.65
CMD HEM E . -3.19 15.83 -13.96
CAD HEM E . -6.14 17.49 -13.70
CBD HEM E . -6.46 17.40 -15.18
CGD HEM E . -6.98 18.70 -15.72
O1D HEM E . -6.96 18.90 -16.97
O2D HEM E . -7.42 19.56 -14.90
NA HEM E . -8.70 13.41 -11.16
NB HEM E . -7.80 10.80 -10.28
NC HEM E . -5.22 11.26 -11.57
ND HEM E . -6.10 13.92 -12.41
FE HEM E . -6.96 12.35 -11.36
N NO2 F . -5.29 13.06 -9.05
O1 NO2 F . -6.37 13.37 -9.57
O2 NO2 F . -5.48 12.19 -8.21
#